data_3V8M
#
_entry.id   3V8M
#
_cell.length_a   62.528
_cell.length_b   75.654
_cell.length_c   118.241
_cell.angle_alpha   90.00
_cell.angle_beta   90.00
_cell.angle_gamma   90.00
#
_symmetry.space_group_name_H-M   'I 2 2 2'
#
loop_
_entity.id
_entity.type
_entity.pdbx_description
1 polymer 'Probable inorganic polyphosphate/ATP-NAD kinase 1'
2 non-polymer "5'-azido-8-bromo-5'-deoxyadenosine"
3 non-polymer 'CITRIC ACID'
4 water water
#
_entity_poly.entity_id   1
_entity_poly.type   'polypeptide(L)'
_entity_poly.pdbx_seq_one_letter_code
;MKYMITSKGDEKSDLLRLNMIAGFGEYDMEYDDVEPEIVISIGGDGTFLSAFHQYEERLDEIAFIGIHTGHLGFYADWRP
AEADKLVKLLAKGEYQKVSYPLLKTTVKYGIGKKEATYLALNESTVKSSGGPFVVDVVINDIHFERFRGDGLCMSTPSGT
TAYNKSLGGALMHPSIEAMQLTEMASINNRVYRTIGSPLVFPKHHVVSLQPVNDKDFQISVDHLSILHRDVQEIRYEVSA
KKIHFARFRSFPFWRRVHDSFIEDLEHHHHHH
;
_entity_poly.pdbx_strand_id   A
#
loop_
_chem_comp.id
_chem_comp.type
_chem_comp.name
_chem_comp.formula
CIT non-polymer 'CITRIC ACID' 'C6 H8 O7'
Z8B non-polymer 5'-azido-8-bromo-5'-deoxyadenosine 'C10 H11 Br N8 O3'
#
# COMPACT_ATOMS: atom_id res chain seq x y z
N MET A 1 -3.16 -1.17 -26.74
CA MET A 1 -3.49 -0.46 -25.51
C MET A 1 -2.55 0.71 -25.30
N LYS A 2 -3.02 1.72 -24.55
CA LYS A 2 -2.16 2.82 -24.12
C LYS A 2 -1.40 2.36 -22.89
N TYR A 3 -0.14 2.78 -22.77
CA TYR A 3 0.72 2.32 -21.69
C TYR A 3 1.73 3.38 -21.29
N MET A 4 2.41 3.16 -20.17
CA MET A 4 3.48 4.03 -19.72
C MET A 4 4.42 3.25 -18.81
N ILE A 5 5.62 3.78 -18.61
CA ILE A 5 6.61 3.10 -17.78
C ILE A 5 7.33 4.09 -16.88
N THR A 6 7.32 3.84 -15.57
CA THR A 6 8.08 4.66 -14.64
C THR A 6 9.37 3.92 -14.28
N SER A 7 10.37 4.65 -13.82
CA SER A 7 11.68 4.07 -13.54
C SER A 7 12.28 4.58 -12.24
N LYS A 8 13.00 3.71 -11.53
CA LYS A 8 13.68 4.10 -10.29
C LYS A 8 14.63 5.28 -10.54
N GLY A 9 15.09 5.42 -11.78
CA GLY A 9 15.93 6.55 -12.16
C GLY A 9 17.39 6.21 -12.30
N ASP A 10 17.80 5.07 -11.77
CA ASP A 10 19.18 4.61 -11.89
C ASP A 10 19.43 4.14 -13.32
N GLU A 11 20.68 3.81 -13.62
CA GLU A 11 21.08 3.45 -14.99
C GLU A 11 20.37 2.19 -15.51
N LYS A 12 20.34 1.15 -14.68
CA LYS A 12 19.78 -0.13 -15.10
C LYS A 12 18.29 -0.01 -15.44
N SER A 13 17.58 0.84 -14.72
CA SER A 13 16.13 0.95 -14.86
C SER A 13 15.70 1.74 -16.09
N ASP A 14 16.42 2.83 -16.39
CA ASP A 14 16.07 3.64 -17.54
C ASP A 14 16.38 2.90 -18.83
N LEU A 15 17.48 2.15 -18.82
CA LEU A 15 17.89 1.40 -20.00
C LEU A 15 16.95 0.23 -20.25
N LEU A 16 16.46 -0.39 -19.17
CA LEU A 16 15.48 -1.44 -19.31
C LEU A 16 14.16 -0.84 -19.75
N ARG A 17 13.91 0.40 -19.35
CA ARG A 17 12.69 1.12 -19.72
C ARG A 17 12.68 1.47 -21.20
N LEU A 18 13.80 1.96 -21.71
CA LEU A 18 13.92 2.33 -23.11
C LEU A 18 13.85 1.09 -24.02
N ASN A 19 14.42 -0.02 -23.56
CA ASN A 19 14.35 -1.28 -24.30
C ASN A 19 12.92 -1.82 -24.41
N MET A 20 12.14 -1.64 -23.36
CA MET A 20 10.75 -2.09 -23.40
C MET A 20 9.91 -1.18 -24.29
N ILE A 21 10.15 0.12 -24.21
CA ILE A 21 9.51 1.07 -25.11
C ILE A 21 9.85 0.75 -26.56
N ALA A 22 11.10 0.39 -26.80
CA ALA A 22 11.57 0.04 -28.13
C ALA A 22 10.85 -1.20 -28.64
N GLY A 23 10.75 -2.21 -27.78
CA GLY A 23 10.05 -3.43 -28.11
C GLY A 23 8.56 -3.23 -28.23
N PHE A 24 8.03 -2.29 -27.45
CA PHE A 24 6.61 -1.95 -27.52
C PHE A 24 6.28 -1.27 -28.83
N GLY A 25 7.23 -0.53 -29.38
CA GLY A 25 7.05 0.15 -30.65
C GLY A 25 7.04 -0.79 -31.84
N GLU A 26 7.18 -2.09 -31.55
CA GLU A 26 7.10 -3.11 -32.59
C GLU A 26 5.68 -3.66 -32.64
N TYR A 27 4.84 -3.20 -31.73
CA TYR A 27 3.46 -3.67 -31.64
C TYR A 27 2.49 -2.50 -31.73
N ASP A 28 1.19 -2.80 -31.67
CA ASP A 28 0.16 -1.78 -31.62
C ASP A 28 -0.01 -1.31 -30.17
N MET A 29 0.92 -0.47 -29.73
CA MET A 29 0.91 0.03 -28.36
C MET A 29 1.31 1.49 -28.34
N GLU A 30 0.37 2.36 -27.96
CA GLU A 30 0.66 3.79 -27.85
C GLU A 30 1.14 4.12 -26.44
N TYR A 31 2.24 4.86 -26.36
CA TYR A 31 2.73 5.34 -25.07
C TYR A 31 1.99 6.61 -24.68
N ASP A 32 1.29 6.54 -23.55
CA ASP A 32 0.53 7.67 -23.04
C ASP A 32 0.58 7.63 -21.52
N ASP A 33 1.24 8.62 -20.92
CA ASP A 33 1.33 8.68 -19.46
C ASP A 33 0.23 9.56 -18.86
N VAL A 34 -0.83 9.76 -19.62
CA VAL A 34 -1.97 10.53 -19.14
C VAL A 34 -3.15 9.60 -18.89
N GLU A 35 -3.45 8.77 -19.88
CA GLU A 35 -4.56 7.82 -19.79
C GLU A 35 -4.15 6.41 -20.20
N PRO A 36 -3.07 5.88 -19.59
CA PRO A 36 -2.63 4.53 -19.92
C PRO A 36 -3.63 3.48 -19.45
N GLU A 37 -3.56 2.29 -20.04
CA GLU A 37 -4.38 1.16 -19.61
C GLU A 37 -3.46 0.18 -18.89
N ILE A 38 -2.17 0.33 -19.16
CA ILE A 38 -1.14 -0.49 -18.53
C ILE A 38 -0.04 0.40 -17.95
N VAL A 39 0.28 0.18 -16.69
CA VAL A 39 1.34 0.93 -16.03
C VAL A 39 2.42 -0.01 -15.55
N ILE A 40 3.63 0.18 -16.08
CA ILE A 40 4.76 -0.66 -15.76
C ILE A 40 5.77 0.10 -14.91
N SER A 41 6.03 -0.41 -13.72
CA SER A 41 6.97 0.20 -12.80
C SER A 41 8.28 -0.57 -12.86
N ILE A 42 9.39 0.15 -12.90
CA ILE A 42 10.71 -0.49 -12.96
C ILE A 42 11.63 0.04 -11.86
N GLY A 43 11.96 -0.84 -10.92
CA GLY A 43 12.73 -0.46 -9.75
C GLY A 43 12.41 -1.38 -8.59
N GLY A 44 11.77 -0.83 -7.55
CA GLY A 44 11.39 -1.62 -6.39
C GLY A 44 9.95 -1.39 -5.97
N ASP A 45 9.56 -1.97 -4.83
CA ASP A 45 8.24 -1.74 -4.26
C ASP A 45 8.00 -0.25 -4.08
N GLY A 46 9.06 0.48 -3.71
CA GLY A 46 9.00 1.92 -3.57
C GLY A 46 8.66 2.62 -4.87
N THR A 47 9.28 2.20 -5.97
CA THR A 47 8.99 2.80 -7.27
C THR A 47 7.57 2.44 -7.70
N PHE A 48 7.11 1.26 -7.30
CA PHE A 48 5.75 0.81 -7.61
C PHE A 48 4.70 1.62 -6.84
N LEU A 49 4.94 1.87 -5.56
CA LEU A 49 4.06 2.71 -4.76
C LEU A 49 3.84 4.07 -5.41
N SER A 50 4.93 4.71 -5.82
CA SER A 50 4.85 5.99 -6.49
C SER A 50 4.01 5.87 -7.76
N ALA A 51 4.22 4.77 -8.49
CA ALA A 51 3.50 4.55 -9.75
C ALA A 51 2.00 4.47 -9.48
N PHE A 52 1.65 3.74 -8.42
CA PHE A 52 0.27 3.61 -7.99
C PHE A 52 -0.35 4.97 -7.67
N HIS A 53 0.32 5.72 -6.79
CA HIS A 53 -0.20 7.00 -6.34
C HIS A 53 -0.25 8.05 -7.43
N GLN A 54 0.48 7.84 -8.51
CA GLN A 54 0.45 8.76 -9.63
C GLN A 54 -0.82 8.52 -10.44
N TYR A 55 -1.39 7.33 -10.33
CA TYR A 55 -2.57 6.97 -11.12
C TYR A 55 -3.70 6.42 -10.27
N GLU A 56 -3.85 6.94 -9.05
CA GLU A 56 -4.89 6.44 -8.15
C GLU A 56 -6.29 6.88 -8.57
N GLU A 57 -6.37 7.85 -9.46
CA GLU A 57 -7.66 8.36 -9.94
C GLU A 57 -8.25 7.50 -11.07
N ARG A 58 -7.43 6.65 -11.67
CA ARG A 58 -7.89 5.75 -12.73
C ARG A 58 -7.55 4.29 -12.43
N LEU A 59 -7.69 3.90 -11.16
CA LEU A 59 -7.33 2.56 -10.72
C LEU A 59 -8.06 1.43 -11.46
N ASP A 60 -9.37 1.59 -11.65
CA ASP A 60 -10.15 0.53 -12.27
C ASP A 60 -10.00 0.50 -13.80
N GLU A 61 -9.26 1.47 -14.34
CA GLU A 61 -8.97 1.50 -15.77
C GLU A 61 -7.52 1.09 -16.07
N ILE A 62 -6.78 0.75 -15.04
CA ILE A 62 -5.36 0.40 -15.20
C ILE A 62 -5.04 -1.01 -14.71
N ALA A 63 -4.10 -1.66 -15.39
CA ALA A 63 -3.51 -2.90 -14.89
C ALA A 63 -2.01 -2.66 -14.66
N PHE A 64 -1.56 -2.91 -13.43
CA PHE A 64 -0.19 -2.61 -13.02
C PHE A 64 0.76 -3.80 -13.20
N ILE A 65 2.03 -3.49 -13.44
CA ILE A 65 3.08 -4.51 -13.54
C ILE A 65 4.35 -4.01 -12.85
N GLY A 66 4.97 -4.87 -12.07
CA GLY A 66 6.16 -4.48 -11.32
C GLY A 66 7.40 -5.27 -11.69
N ILE A 67 8.39 -4.58 -12.22
CA ILE A 67 9.68 -5.21 -12.54
C ILE A 67 10.73 -4.75 -11.54
N HIS A 68 11.38 -5.71 -10.89
CA HIS A 68 12.44 -5.38 -9.94
C HIS A 68 13.82 -5.45 -10.58
N THR A 69 14.49 -4.30 -10.63
CA THR A 69 15.87 -4.24 -11.08
C THR A 69 16.79 -4.71 -9.95
N GLY A 70 16.44 -4.34 -8.73
CA GLY A 70 17.18 -4.78 -7.56
C GLY A 70 16.66 -6.09 -7.02
N HIS A 71 16.45 -6.15 -5.71
CA HIS A 71 15.94 -7.37 -5.08
CA HIS A 71 15.95 -7.37 -5.07
C HIS A 71 14.45 -7.55 -5.31
N LEU A 72 14.01 -8.80 -5.28
CA LEU A 72 12.60 -9.16 -5.48
C LEU A 72 11.67 -8.36 -4.55
N GLY A 73 10.61 -7.79 -5.11
CA GLY A 73 9.65 -7.05 -4.32
C GLY A 73 8.35 -7.82 -4.17
N PHE A 74 7.37 -7.23 -3.50
CA PHE A 74 6.05 -7.85 -3.42
C PHE A 74 5.15 -7.34 -4.53
N TYR A 75 5.41 -6.13 -5.00
CA TYR A 75 4.71 -5.58 -6.15
C TYR A 75 5.59 -5.65 -7.41
N ALA A 76 6.89 -5.42 -7.22
CA ALA A 76 7.85 -5.55 -8.31
C ALA A 76 8.40 -6.96 -8.30
N ASP A 77 7.64 -7.90 -8.85
CA ASP A 77 8.00 -9.32 -8.75
C ASP A 77 8.27 -9.99 -10.10
N TRP A 78 8.61 -9.19 -11.11
CA TRP A 78 9.05 -9.72 -12.39
C TRP A 78 10.54 -9.44 -12.58
N ARG A 79 11.30 -10.45 -12.99
CA ARG A 79 12.73 -10.28 -13.24
C ARG A 79 12.98 -9.50 -14.53
N PRO A 80 14.05 -8.69 -14.55
CA PRO A 80 14.39 -7.90 -15.73
C PRO A 80 14.43 -8.76 -17.00
N ALA A 81 15.08 -9.91 -16.94
CA ALA A 81 15.26 -10.76 -18.11
C ALA A 81 13.95 -11.33 -18.64
N GLU A 82 12.84 -11.01 -17.97
CA GLU A 82 11.52 -11.45 -18.42
C GLU A 82 10.77 -10.31 -19.10
N ALA A 83 11.42 -9.16 -19.22
CA ALA A 83 10.81 -7.99 -19.83
C ALA A 83 10.40 -8.21 -21.28
N ASP A 84 11.31 -8.73 -22.10
CA ASP A 84 10.99 -9.01 -23.50
C ASP A 84 9.77 -9.93 -23.61
N LYS A 85 9.75 -11.00 -22.82
CA LYS A 85 8.61 -11.92 -22.80
C LYS A 85 7.35 -11.22 -22.33
N LEU A 86 7.52 -10.27 -21.41
CA LEU A 86 6.42 -9.49 -20.86
C LEU A 86 5.77 -8.62 -21.93
N VAL A 87 6.61 -8.02 -22.77
CA VAL A 87 6.14 -7.14 -23.84
C VAL A 87 5.20 -7.84 -24.80
N LYS A 88 5.63 -8.98 -25.32
CA LYS A 88 4.83 -9.76 -26.26
C LYS A 88 3.43 -10.02 -25.68
N LEU A 89 3.41 -10.55 -24.46
CA LEU A 89 2.16 -10.97 -23.83
C LEU A 89 1.22 -9.79 -23.56
N LEU A 90 1.78 -8.64 -23.21
CA LEU A 90 1.00 -7.43 -22.99
C LEU A 90 0.36 -6.93 -24.28
N ALA A 91 0.90 -7.37 -25.42
CA ALA A 91 0.39 -6.97 -26.73
C ALA A 91 -1.03 -7.45 -26.95
N LYS A 92 -1.54 -8.23 -26.01
CA LYS A 92 -2.91 -8.74 -26.08
C LYS A 92 -3.72 -8.29 -24.86
N TYR A 95 -4.52 -11.70 -21.23
CA TYR A 95 -3.92 -11.89 -19.90
C TYR A 95 -4.96 -11.68 -18.80
N GLN A 96 -4.74 -12.32 -17.66
CA GLN A 96 -5.69 -12.23 -16.55
C GLN A 96 -5.31 -11.13 -15.56
N LYS A 97 -6.28 -10.69 -14.76
CA LYS A 97 -6.08 -9.62 -13.80
C LYS A 97 -6.34 -10.07 -12.36
N VAL A 98 -5.44 -9.67 -11.47
CA VAL A 98 -5.57 -9.96 -10.04
C VAL A 98 -5.69 -8.66 -9.28
N SER A 99 -6.70 -8.59 -8.39
CA SER A 99 -6.98 -7.35 -7.68
C SER A 99 -6.73 -7.47 -6.19
N TYR A 100 -6.24 -6.39 -5.58
CA TYR A 100 -5.95 -6.37 -4.15
C TYR A 100 -6.78 -5.28 -3.46
N PRO A 101 -7.18 -5.54 -2.20
CA PRO A 101 -7.95 -4.56 -1.42
C PRO A 101 -7.13 -3.31 -1.15
N LEU A 102 -7.79 -2.18 -0.92
CA LEU A 102 -7.09 -0.96 -0.57
C LEU A 102 -7.63 -0.42 0.75
N LEU A 103 -6.89 0.51 1.37
CA LEU A 103 -7.29 1.10 2.64
C LEU A 103 -7.69 2.56 2.46
N LYS A 104 -8.93 2.90 2.81
CA LYS A 104 -9.34 4.30 2.78
C LYS A 104 -9.13 4.97 4.14
N THR A 105 -8.46 6.12 4.12
CA THR A 105 -8.25 6.93 5.30
C THR A 105 -8.98 8.25 5.14
N THR A 106 -9.75 8.65 6.14
CA THR A 106 -10.40 9.95 6.09
C THR A 106 -9.95 10.84 7.25
N VAL A 107 -9.50 12.03 6.92
CA VAL A 107 -9.05 12.99 7.92
C VAL A 107 -10.01 14.17 7.95
N LYS A 108 -10.61 14.42 9.10
CA LYS A 108 -11.55 15.52 9.25
C LYS A 108 -10.97 16.65 10.08
N TYR A 109 -11.39 17.88 9.78
CA TYR A 109 -10.94 19.05 10.53
C TYR A 109 -12.14 19.80 11.11
N LYS A 114 -12.39 21.06 7.03
CA LYS A 114 -13.04 20.26 5.98
C LYS A 114 -12.85 18.77 6.21
N GLU A 115 -12.45 18.07 5.16
CA GLU A 115 -12.25 16.62 5.20
C GLU A 115 -11.45 16.14 3.98
N ALA A 116 -10.39 15.37 4.22
CA ALA A 116 -9.55 14.86 3.14
C ALA A 116 -9.52 13.33 3.14
N THR A 117 -9.70 12.74 1.97
CA THR A 117 -9.68 11.28 1.83
C THR A 117 -8.44 10.81 1.07
N TYR A 118 -7.89 9.66 1.49
CA TYR A 118 -6.71 9.10 0.85
C TYR A 118 -6.89 7.62 0.54
N LEU A 119 -6.04 7.10 -0.34
CA LEU A 119 -5.99 5.67 -0.60
C LEU A 119 -4.58 5.18 -0.28
N ALA A 120 -4.47 4.04 0.37
CA ALA A 120 -3.17 3.49 0.73
C ALA A 120 -3.01 2.09 0.12
N LEU A 121 -1.80 1.77 -0.32
CA LEU A 121 -1.54 0.47 -0.91
C LEU A 121 -0.87 -0.44 0.12
N ASN A 122 -0.10 0.16 1.01
CA ASN A 122 0.52 -0.56 2.11
C ASN A 122 -0.19 -0.29 3.43
N GLU A 123 -0.12 0.96 3.87
CA GLU A 123 -0.66 1.33 5.17
C GLU A 123 -0.79 2.83 5.34
N SER A 124 -1.50 3.22 6.40
CA SER A 124 -1.52 4.59 6.86
C SER A 124 -1.16 4.51 8.34
N THR A 125 -0.34 5.45 8.82
CA THR A 125 0.02 5.46 10.23
C THR A 125 -0.25 6.82 10.86
N VAL A 126 -0.36 6.84 12.17
CA VAL A 126 -0.56 8.08 12.91
C VAL A 126 0.46 8.19 14.03
N LYS A 127 1.16 9.31 14.08
CA LYS A 127 2.14 9.55 15.14
C LYS A 127 2.01 10.98 15.69
N SER A 128 2.65 11.23 16.83
CA SER A 128 2.52 12.54 17.49
C SER A 128 3.54 13.56 17.01
N SER A 129 3.16 14.82 17.11
CA SER A 129 3.98 15.93 16.65
C SER A 129 4.86 16.48 17.77
N GLY A 130 5.96 15.79 18.05
CA GLY A 130 6.91 16.22 19.06
C GLY A 130 6.32 16.27 20.46
N GLY A 131 5.54 15.25 20.80
CA GLY A 131 4.91 15.17 22.10
C GLY A 131 4.26 13.82 22.33
N PRO A 132 3.63 13.65 23.50
CA PRO A 132 2.97 12.38 23.85
C PRO A 132 1.77 12.11 22.94
N PHE A 133 1.69 10.89 22.41
CA PHE A 133 0.59 10.50 21.55
C PHE A 133 -0.49 9.76 22.32
N VAL A 134 -1.68 10.37 22.39
CA VAL A 134 -2.81 9.76 23.07
C VAL A 134 -4.04 9.94 22.20
N VAL A 135 -4.69 8.84 21.86
CA VAL A 135 -5.90 8.90 21.06
C VAL A 135 -6.87 7.84 21.52
N ASP A 136 -8.16 8.12 21.33
CA ASP A 136 -9.19 7.14 21.65
C ASP A 136 -9.48 6.34 20.40
N VAL A 137 -9.57 5.02 20.56
CA VAL A 137 -9.89 4.17 19.44
C VAL A 137 -11.35 3.75 19.50
N VAL A 138 -12.07 4.08 18.44
CA VAL A 138 -13.49 3.79 18.37
C VAL A 138 -13.77 2.88 17.19
N ILE A 139 -14.28 1.69 17.47
CA ILE A 139 -14.61 0.72 16.44
C ILE A 139 -16.11 0.68 16.24
N ASN A 140 -16.56 1.07 15.05
CA ASN A 140 -18.00 1.11 14.75
C ASN A 140 -18.76 1.85 15.84
N ASP A 141 -18.27 3.04 16.19
CA ASP A 141 -18.93 3.93 17.12
C ASP A 141 -18.86 3.48 18.59
N ILE A 142 -18.28 2.32 18.84
CA ILE A 142 -18.10 1.84 20.21
C ILE A 142 -16.69 2.13 20.71
N HIS A 143 -16.57 2.85 21.81
CA HIS A 143 -15.24 3.14 22.34
C HIS A 143 -14.54 1.86 22.76
N PHE A 144 -13.41 1.59 22.13
CA PHE A 144 -12.71 0.33 22.33
C PHE A 144 -11.54 0.42 23.32
N GLU A 145 -10.76 1.50 23.22
CA GLU A 145 -9.60 1.66 24.09
C GLU A 145 -9.03 3.05 24.00
N ARG A 146 -8.28 3.46 25.03
CA ARG A 146 -7.50 4.68 24.96
C ARG A 146 -6.04 4.32 24.78
N PHE A 147 -5.49 4.61 23.61
CA PHE A 147 -4.12 4.24 23.29
C PHE A 147 -3.12 5.32 23.66
N ARG A 148 -2.06 4.93 24.37
CA ARG A 148 -0.96 5.84 24.62
C ARG A 148 0.37 5.20 24.24
N GLY A 149 1.03 5.74 23.22
CA GLY A 149 2.30 5.21 22.77
C GLY A 149 2.91 6.04 21.66
N ASP A 150 3.65 5.40 20.77
CA ASP A 150 4.29 6.11 19.67
C ASP A 150 3.33 6.37 18.53
N GLY A 151 2.48 5.39 18.22
CA GLY A 151 1.51 5.56 17.16
C GLY A 151 0.78 4.27 16.83
N LEU A 152 -0.05 4.33 15.81
CA LEU A 152 -0.77 3.15 15.33
C LEU A 152 -0.57 2.96 13.83
N CYS A 153 -0.80 1.75 13.36
CA CYS A 153 -0.64 1.45 11.94
C CYS A 153 -1.79 0.60 11.43
N MET A 154 -2.44 1.07 10.37
CA MET A 154 -3.50 0.32 9.72
C MET A 154 -3.03 -0.13 8.34
N SER A 155 -3.02 -1.44 8.14
CA SER A 155 -2.37 -2.04 6.97
C SER A 155 -3.35 -2.74 6.05
N THR A 156 -3.12 -2.63 4.74
CA THR A 156 -3.85 -3.40 3.76
C THR A 156 -3.34 -4.83 3.86
N PRO A 157 -4.03 -5.78 3.21
CA PRO A 157 -3.54 -7.17 3.19
C PRO A 157 -2.14 -7.29 2.58
N SER A 158 -1.92 -6.67 1.43
CA SER A 158 -0.63 -6.78 0.75
C SER A 158 0.45 -5.95 1.44
N GLY A 159 0.02 -4.99 2.25
CA GLY A 159 0.95 -4.14 2.99
C GLY A 159 1.37 -4.74 4.32
N THR A 160 0.89 -5.95 4.63
CA THR A 160 1.21 -6.58 5.90
C THR A 160 2.63 -7.12 5.95
N THR A 161 3.22 -7.35 4.79
CA THR A 161 4.60 -7.84 4.74
C THR A 161 5.59 -6.69 4.93
N ALA A 162 5.06 -5.47 4.96
CA ALA A 162 5.87 -4.28 5.11
C ALA A 162 5.92 -3.81 6.56
N TYR A 163 5.57 -2.55 6.78
CA TYR A 163 5.62 -1.95 8.11
C TYR A 163 4.86 -2.79 9.14
N ASN A 164 3.65 -3.18 8.80
CA ASN A 164 2.84 -4.03 9.65
C ASN A 164 3.65 -5.19 10.24
N LYS A 165 4.43 -5.84 9.39
CA LYS A 165 5.25 -6.98 9.81
C LYS A 165 6.22 -6.62 10.93
N SER A 166 6.91 -5.48 10.77
CA SER A 166 7.90 -5.05 11.77
C SER A 166 7.23 -4.77 13.11
N LEU A 167 5.98 -4.34 13.08
CA LEU A 167 5.25 -3.99 14.29
C LEU A 167 4.61 -5.20 14.97
N GLY A 168 4.86 -6.39 14.42
CA GLY A 168 4.37 -7.62 15.02
C GLY A 168 3.07 -8.12 14.40
N GLY A 169 2.56 -7.39 13.42
CA GLY A 169 1.33 -7.81 12.76
C GLY A 169 1.47 -9.16 12.07
N ALA A 170 0.36 -9.75 11.69
CA ALA A 170 0.40 -11.00 10.96
C ALA A 170 0.35 -10.72 9.46
N LEU A 171 0.90 -11.64 8.67
CA LEU A 171 0.85 -11.52 7.22
C LEU A 171 -0.44 -12.14 6.75
N MET A 172 -1.20 -11.40 5.95
CA MET A 172 -2.53 -11.82 5.50
CA MET A 172 -2.48 -11.91 5.49
C MET A 172 -2.58 -11.94 3.98
N HIS A 173 -3.21 -12.99 3.48
CA HIS A 173 -3.34 -13.18 2.04
C HIS A 173 -4.24 -12.11 1.41
N PRO A 174 -3.77 -11.50 0.31
CA PRO A 174 -4.44 -10.38 -0.38
C PRO A 174 -5.86 -10.69 -0.87
N SER A 175 -6.25 -11.95 -0.93
CA SER A 175 -7.62 -12.27 -1.34
C SER A 175 -8.62 -11.93 -0.23
N ILE A 176 -8.13 -11.90 1.01
CA ILE A 176 -8.94 -11.51 2.16
C ILE A 176 -9.14 -10.01 2.20
N GLU A 177 -10.39 -9.56 2.08
CA GLU A 177 -10.69 -8.13 2.10
C GLU A 177 -10.76 -7.61 3.52
N ALA A 178 -9.64 -7.08 4.00
CA ALA A 178 -9.53 -6.70 5.40
C ALA A 178 -8.51 -5.61 5.65
N MET A 179 -8.34 -5.31 6.94
CA MET A 179 -7.41 -4.29 7.36
CA MET A 179 -7.52 -4.21 7.42
C MET A 179 -6.86 -4.67 8.72
N GLN A 180 -5.62 -4.29 8.96
CA GLN A 180 -4.98 -4.72 10.20
C GLN A 180 -4.39 -3.55 10.98
N LEU A 181 -4.81 -3.44 12.24
CA LEU A 181 -4.31 -2.39 13.10
C LEU A 181 -3.29 -2.95 14.08
N THR A 182 -2.11 -2.35 14.10
CA THR A 182 -1.08 -2.74 15.05
C THR A 182 -0.62 -1.54 15.87
N GLU A 183 -0.10 -1.81 17.06
CA GLU A 183 0.34 -0.76 17.96
C GLU A 183 1.82 -0.45 17.78
N MET A 184 2.22 0.78 18.08
CA MET A 184 3.63 1.16 18.16
C MET A 184 3.98 1.53 19.61
N ALA A 185 4.69 0.65 20.30
CA ALA A 185 5.13 0.91 21.66
C ALA A 185 4.02 1.49 22.55
N SER A 186 3.04 0.66 22.87
CA SER A 186 1.95 1.07 23.74
C SER A 186 2.35 0.94 25.21
N ILE A 187 2.11 1.99 25.98
CA ILE A 187 2.29 1.95 27.42
C ILE A 187 1.18 1.10 28.01
N ASN A 188 1.56 0.13 28.82
CA ASN A 188 0.57 -0.70 29.51
C ASN A 188 0.93 -0.87 30.98
N ASN A 189 0.16 -0.21 31.84
CA ASN A 189 0.30 -0.36 33.28
C ASN A 189 -1.07 -0.53 33.92
N ARG A 190 -1.18 -0.19 35.19
CA ARG A 190 -2.47 -0.24 35.86
C ARG A 190 -3.37 0.87 35.34
N VAL A 191 -2.75 1.99 34.96
CA VAL A 191 -3.47 3.17 34.46
C VAL A 191 -3.96 3.01 33.02
N TYR A 192 -3.02 2.82 32.10
CA TYR A 192 -3.35 2.69 30.69
C TYR A 192 -3.47 1.23 30.25
N ARG A 193 -4.44 0.98 29.38
CA ARG A 193 -4.69 -0.38 28.91
C ARG A 193 -5.07 -0.41 27.43
N THR A 194 -4.29 -1.15 26.64
CA THR A 194 -4.59 -1.37 25.24
C THR A 194 -4.67 -2.86 24.99
N ILE A 195 -5.25 -3.25 23.86
CA ILE A 195 -5.48 -4.66 23.55
C ILE A 195 -4.17 -5.42 23.31
N GLY A 196 -3.16 -4.72 22.79
CA GLY A 196 -1.86 -5.33 22.53
C GLY A 196 -1.81 -6.09 21.22
N SER A 197 -2.65 -7.12 21.10
CA SER A 197 -2.73 -7.89 19.88
C SER A 197 -3.04 -7.00 18.68
N PRO A 198 -2.55 -7.37 17.50
CA PRO A 198 -3.03 -6.72 16.27
C PRO A 198 -4.51 -7.06 16.08
N LEU A 199 -5.22 -6.24 15.33
CA LEU A 199 -6.65 -6.46 15.11
C LEU A 199 -6.96 -6.46 13.63
N VAL A 200 -7.66 -7.50 13.17
CA VAL A 200 -8.04 -7.58 11.76
C VAL A 200 -9.53 -7.29 11.58
N PHE A 201 -9.84 -6.26 10.79
CA PHE A 201 -11.21 -5.85 10.54
C PHE A 201 -11.65 -6.24 9.12
N PRO A 202 -12.92 -6.64 8.98
CA PRO A 202 -13.51 -6.96 7.67
C PRO A 202 -14.02 -5.70 6.98
N LYS A 203 -14.50 -5.84 5.75
CA LYS A 203 -15.13 -4.73 5.05
C LYS A 203 -16.23 -4.11 5.89
N HIS A 204 -16.42 -2.80 5.73
CA HIS A 204 -17.53 -2.08 6.35
C HIS A 204 -17.31 -1.75 7.82
N HIS A 205 -16.29 -2.34 8.43
CA HIS A 205 -15.91 -1.93 9.77
C HIS A 205 -15.18 -0.59 9.68
N VAL A 206 -15.54 0.32 10.57
CA VAL A 206 -14.91 1.64 10.59
C VAL A 206 -14.18 1.86 11.90
N VAL A 207 -12.87 2.08 11.80
CA VAL A 207 -12.06 2.37 12.96
C VAL A 207 -11.73 3.85 12.95
N SER A 208 -12.02 4.52 14.06
CA SER A 208 -11.88 5.96 14.14
C SER A 208 -10.96 6.38 15.27
N LEU A 209 -9.95 7.18 14.95
CA LEU A 209 -9.03 7.67 15.96
C LEU A 209 -9.38 9.12 16.35
N GLN A 210 -9.61 9.34 17.63
CA GLN A 210 -10.00 10.66 18.12
C GLN A 210 -9.00 11.21 19.11
N PRO A 211 -8.57 12.46 18.90
CA PRO A 211 -7.58 13.11 19.76
C PRO A 211 -8.12 13.29 21.17
N VAL A 212 -7.25 13.12 22.16
CA VAL A 212 -7.67 13.26 23.54
C VAL A 212 -7.40 14.67 24.01
N ASN A 213 -6.13 15.09 23.91
CA ASN A 213 -5.75 16.45 24.26
C ASN A 213 -5.17 17.19 23.07
N ASP A 214 -4.04 16.71 22.57
CA ASP A 214 -3.42 17.31 21.40
C ASP A 214 -4.17 16.92 20.14
N LYS A 215 -4.21 17.83 19.17
CA LYS A 215 -4.96 17.59 17.94
C LYS A 215 -4.05 17.65 16.70
N ASP A 216 -2.74 17.61 16.92
CA ASP A 216 -1.77 17.63 15.81
C ASP A 216 -1.05 16.29 15.68
N PHE A 217 -1.26 15.63 14.54
CA PHE A 217 -0.66 14.32 14.30
C PHE A 217 0.19 14.29 13.03
N GLN A 218 1.25 13.49 13.06
CA GLN A 218 1.99 13.18 11.84
C GLN A 218 1.31 11.98 11.19
N ILE A 219 0.63 12.20 10.08
CA ILE A 219 -0.10 11.15 9.41
C ILE A 219 0.60 10.73 8.13
N SER A 220 0.64 9.43 7.88
CA SER A 220 1.33 8.89 6.73
C SER A 220 0.43 7.98 5.92
N VAL A 221 0.50 8.10 4.61
CA VAL A 221 -0.16 7.14 3.71
C VAL A 221 0.88 6.65 2.71
N ASP A 222 1.34 5.42 2.93
CA ASP A 222 2.47 4.86 2.17
C ASP A 222 3.70 5.75 2.29
N HIS A 223 4.18 6.27 1.17
CA HIS A 223 5.40 7.07 1.16
C HIS A 223 5.19 8.46 1.77
N LEU A 224 4.13 9.14 1.34
CA LEU A 224 3.84 10.51 1.77
C LEU A 224 3.48 10.63 3.26
N SER A 225 4.22 11.48 3.96
CA SER A 225 3.96 11.75 5.37
C SER A 225 3.82 13.24 5.63
N ILE A 226 2.65 13.66 6.10
CA ILE A 226 2.37 15.07 6.33
C ILE A 226 1.78 15.33 7.71
N LEU A 227 2.30 16.36 8.38
CA LEU A 227 1.73 16.80 9.65
C LEU A 227 0.39 17.49 9.41
N HIS A 228 -0.64 17.00 10.07
CA HIS A 228 -1.97 17.60 9.96
C HIS A 228 -2.33 18.32 11.26
N ARG A 229 -2.84 19.54 11.14
CA ARG A 229 -3.22 20.33 12.31
C ARG A 229 -4.72 20.46 12.47
N ASP A 230 -5.16 20.61 13.72
CA ASP A 230 -6.57 20.74 14.05
C ASP A 230 -7.38 19.53 13.60
N VAL A 231 -6.73 18.38 13.55
CA VAL A 231 -7.42 17.13 13.22
C VAL A 231 -8.44 16.80 14.30
N GLN A 232 -9.64 16.41 13.88
CA GLN A 232 -10.70 16.07 14.81
C GLN A 232 -10.94 14.57 14.81
N GLU A 233 -10.60 13.92 13.70
CA GLU A 233 -10.85 12.50 13.55
C GLU A 233 -10.05 11.90 12.40
N ILE A 234 -9.66 10.64 12.56
CA ILE A 234 -9.05 9.85 11.49
C ILE A 234 -9.86 8.58 11.32
N ARG A 235 -10.48 8.39 10.16
CA ARG A 235 -11.30 7.21 9.92
C ARG A 235 -10.63 6.19 8.99
N TYR A 236 -10.55 4.95 9.46
CA TYR A 236 -9.99 3.85 8.69
C TYR A 236 -11.06 2.84 8.31
N GLU A 237 -11.11 2.48 7.03
CA GLU A 237 -11.98 1.40 6.58
C GLU A 237 -11.52 0.87 5.23
N VAL A 238 -11.74 -0.42 5.00
CA VAL A 238 -11.36 -1.03 3.74
C VAL A 238 -12.04 -0.28 2.60
N SER A 239 -11.25 0.10 1.59
CA SER A 239 -11.76 0.87 0.47
C SER A 239 -12.70 0.04 -0.40
N ALA A 240 -13.55 0.72 -1.16
CA ALA A 240 -14.40 0.05 -2.12
C ALA A 240 -13.63 -0.14 -3.43
N LYS A 241 -12.56 0.63 -3.59
CA LYS A 241 -11.71 0.53 -4.77
C LYS A 241 -10.63 -0.53 -4.55
N LYS A 242 -10.17 -1.12 -5.66
CA LYS A 242 -9.12 -2.13 -5.62
C LYS A 242 -8.08 -1.84 -6.68
N ILE A 243 -6.85 -2.31 -6.47
CA ILE A 243 -5.80 -2.18 -7.47
C ILE A 243 -5.75 -3.44 -8.32
N HIS A 244 -5.58 -3.28 -9.63
CA HIS A 244 -5.59 -4.41 -10.54
C HIS A 244 -4.19 -4.65 -11.12
N PHE A 245 -3.70 -5.88 -10.93
CA PHE A 245 -2.42 -6.28 -11.52
C PHE A 245 -2.68 -7.13 -12.76
N ALA A 246 -1.70 -7.16 -13.66
CA ALA A 246 -1.75 -8.03 -14.82
C ALA A 246 -0.93 -9.28 -14.52
N ARG A 247 -1.56 -10.45 -14.59
CA ARG A 247 -0.86 -11.70 -14.29
C ARG A 247 -0.50 -12.47 -15.56
N PHE A 248 0.75 -12.93 -15.65
CA PHE A 248 1.20 -13.66 -16.82
C PHE A 248 1.63 -15.08 -16.47
N ARG A 249 1.82 -15.34 -15.19
CA ARG A 249 2.09 -16.68 -14.70
C ARG A 249 1.79 -16.79 -13.21
N SER A 250 2.02 -17.97 -12.64
CA SER A 250 1.76 -18.18 -11.23
C SER A 250 2.95 -17.78 -10.39
N PHE A 251 2.74 -16.75 -9.56
CA PHE A 251 3.68 -16.40 -8.51
C PHE A 251 2.89 -16.22 -7.22
N PRO A 252 2.55 -17.33 -6.55
CA PRO A 252 1.73 -17.33 -5.34
C PRO A 252 2.25 -16.36 -4.28
N PHE A 253 1.33 -15.70 -3.58
CA PHE A 253 1.69 -14.79 -2.49
C PHE A 253 2.58 -15.45 -1.45
N TRP A 254 2.26 -16.69 -1.07
CA TRP A 254 3.06 -17.39 -0.05
C TRP A 254 4.45 -17.79 -0.55
N ARG A 255 4.62 -17.92 -1.86
CA ARG A 255 5.94 -18.19 -2.41
CA ARG A 255 5.94 -18.19 -2.42
C ARG A 255 6.73 -16.89 -2.46
N ARG A 256 6.02 -15.78 -2.65
CA ARG A 256 6.62 -14.45 -2.64
C ARG A 256 7.10 -14.12 -1.23
N VAL A 257 6.36 -14.58 -0.23
CA VAL A 257 6.74 -14.40 1.17
C VAL A 257 7.98 -15.24 1.49
N HIS A 258 7.97 -16.49 1.04
CA HIS A 258 9.09 -17.41 1.27
C HIS A 258 10.40 -16.88 0.69
N ASP A 259 10.35 -16.43 -0.56
CA ASP A 259 11.53 -15.94 -1.24
C ASP A 259 12.09 -14.69 -0.56
N SER A 260 11.19 -13.85 -0.08
CA SER A 260 11.59 -12.58 0.54
C SER A 260 12.15 -12.76 1.95
N PHE A 261 11.60 -13.70 2.71
CA PHE A 261 11.91 -13.79 4.13
C PHE A 261 12.66 -15.06 4.57
N ILE A 262 12.45 -16.16 3.87
CA ILE A 262 13.07 -17.42 4.29
C ILE A 262 14.37 -17.70 3.55
N GLU A 263 14.42 -17.35 2.27
CA GLU A 263 15.64 -17.43 1.48
C GLU A 263 15.36 -17.28 -0.02
N1 Z8B B . 5.76 -6.07 1.56
C2 Z8B B . 7.02 -6.28 1.89
N3 Z8B B . 7.95 -5.37 1.73
C4 Z8B B . 7.61 -4.19 1.21
C5 Z8B B . 6.32 -3.94 0.84
C6 Z8B B . 5.39 -4.91 1.03
N6 Z8B B . 4.14 -4.72 0.71
N7 Z8B B . 6.28 -2.72 0.36
C8 Z8B B . 7.48 -2.21 0.44
BR8 Z8B B . 7.85 -0.47 -0.16
N9 Z8B B . 8.32 -3.11 0.94
C1' Z8B B . 9.76 -3.07 1.23
C2' Z8B B . 10.71 -2.27 0.37
O2' Z8B B . 11.73 -3.17 -0.01
C3' Z8B B . 11.32 -1.23 1.30
O3' Z8B B . 12.74 -1.23 1.19
C4' Z8B B . 10.93 -1.70 2.69
C5' Z8B B . 10.26 -0.54 3.40
O5' Z8B B . 9.80 -2.54 2.54
N51 Z8B B . 11.21 0.11 4.28
N52 Z8B B . 11.25 1.37 4.25
N53 Z8B B . 11.31 2.66 4.22
N1 Z8B C . 10.05 -1.30 9.01
C2 Z8B C . 9.63 -1.85 7.91
N3 Z8B C . 9.01 -1.18 6.96
C4 Z8B C . 8.77 0.11 7.12
C5 Z8B C . 9.19 0.73 8.27
C6 Z8B C . 9.85 -0.02 9.23
N6 Z8B C . 10.27 0.54 10.35
N7 Z8B C . 8.84 2.00 8.19
C8 Z8B C . 8.23 2.15 7.03
BR8 Z8B C . 7.55 3.81 6.51
N9 Z8B C . 8.17 1.01 6.37
C1' Z8B C . 7.61 0.71 5.03
C2' Z8B C . 6.16 1.01 4.79
O2' Z8B C . 5.66 -0.08 4.06
C3' Z8B C . 6.18 2.21 3.86
O3' Z8B C . 5.04 2.18 3.03
C4' Z8B C . 7.41 1.89 3.03
C5' Z8B C . 7.88 3.18 2.40
O5' Z8B C . 8.35 1.48 4.03
N51 Z8B C . 8.12 2.96 0.98
N52 Z8B C . 9.31 2.73 0.59
N53 Z8B C . 10.50 2.49 0.24
C1 CIT D . -2.00 -16.54 -4.87
O1 CIT D . -1.25 -16.04 -4.01
O2 CIT D . -2.17 -17.77 -4.87
C2 CIT D . -2.70 -15.68 -5.90
C3 CIT D . -1.76 -14.70 -6.60
O7 CIT D . -0.64 -15.41 -7.17
C4 CIT D . -2.50 -13.95 -7.71
C5 CIT D . -2.91 -14.92 -8.80
O3 CIT D . -4.12 -15.19 -8.99
O4 CIT D . -2.06 -15.47 -9.54
C6 CIT D . -1.21 -13.68 -5.62
O5 CIT D . -0.03 -13.75 -5.21
O6 CIT D . -1.94 -12.76 -5.19
#